data_8HRH
#
_entry.id   8HRH
#
_cell.length_a   84.590
_cell.length_b   84.590
_cell.length_c   271.270
_cell.angle_alpha   90.000
_cell.angle_beta   90.000
_cell.angle_gamma   120.000
#
_symmetry.space_group_name_H-M   'P 65 2 2'
#
loop_
_entity.id
_entity.type
_entity.pdbx_description
1 polymer 'Heavy chain of SN-131/1B2 antibody Fab'
2 polymer 'Light chain of SN-131/1B2 antibody Fab'
3 branched 'N-acetyl-alpha-neuraminic acid-(2-3)-beta-D-galactopyranose-(1-3)-2-acetamido-2-deoxy-alpha-D-galactopyranose'
4 non-polymer 1-ACETYL-L-PROLINE
5 non-polymer 'ASPARTIC ACID'
6 non-polymer THREONINE
7 non-polymer ARGININE
8 non-polymer ALANINE
9 non-polymer 2-AMINO-2-HYDROXYMETHYL-PROPANE-1,3-DIOL
10 non-polymer DI(HYDROXYETHYL)ETHER
11 non-polymer GLYCEROL
12 non-polymer PROLINE
13 non-polymer L-PROLINAMIDE
14 water water
#
loop_
_entity_poly.entity_id
_entity_poly.type
_entity_poly.pdbx_seq_one_letter_code
_entity_poly.pdbx_strand_id
1 'polypeptide(L)'
;MEWIWIFLFILSGTAGVQSQVQLQQSGAELARPGASV(MLY)LSCKASGYTFTNYGLSWV(MLY)QRTGQGLEWIGENHP
GSGIIYHNEKFRG(MLY)ATLTAD(MLY)SSSTAYVQLSSLTSEDSAVYFCARSSGTRGFAYWGQGTLVTVSAA(MLY)T
TAPSVYPLAPVCGDTTGSSVTLGCLV(MLY)GYFPEPVTLTWNSGSLSSGVHTFPAVLQSDLYTLSSSVTVTSSTWPSQS
ITCNVAHPASSTKVD(MLY)(MLY)IEPRGPTIKPCPPCKCPAPNLLGGPSVFIFPPKIKDVLMISLSPIVTCVVVDVSE
DDPDVQISWFVNNVEVHTAQTQTHREDYNSTLRVVSALPIQHQDWMSGKEFKCKVNNKDLPAPIERTISKPKGSVRAPQV
YVLPPPEEEMTKKQVTLTCMVTDFMPEDIYVEWTNNGKTELNYKNTEPVLDSDGSYFMYSKLRVEKKNWVERNSYSCSVV
HEGLHNHHTTKSFSRTPGK
;
A
2 'polypeptide(L)'
;MKLPVRLLVLMFWIPASSSDVLMTQTPLSLPVSLGDQASISCRSSQSIVHSNGNTYLEWYLQ(MLY)PGQSP(MLY)LLI
Y(MLY)VSNRFSGVPDRFSGSGSGTDFTL(MLY)ISRVEAEDLGVYYCFQGSHGPWTFGGGTKLEI(MLY)RADAAPTVS
IFPPSSEQLTSGGASVVCFLNNFYP(MLY)DINV(MLY)W(MLY)IDGSERQNGVLNSWTDQDS(MLY)DSTYSMSSTLT
LT(MLY)DEYERHNSYTCEATH(MLY)TSTSPIV(MLY)SFNRNEC
;
B
#
# COMPACT_ATOMS: atom_id res chain seq x y z
N GLN A 20 -21.73 2.65 15.98
CA GLN A 20 -20.73 1.99 15.14
C GLN A 20 -20.79 2.57 13.73
N VAL A 21 -20.15 3.72 13.55
CA VAL A 21 -20.10 4.37 12.24
C VAL A 21 -19.32 3.49 11.27
N GLN A 22 -19.91 3.22 10.11
CA GLN A 22 -19.26 2.42 9.08
C GLN A 22 -19.56 2.99 7.71
N LEU A 23 -18.53 3.09 6.88
CA LEU A 23 -18.67 3.45 5.47
C LEU A 23 -18.14 2.27 4.66
N GLN A 24 -19.04 1.54 4.00
CA GLN A 24 -18.67 0.33 3.26
C GLN A 24 -18.71 0.65 1.77
N GLN A 25 -17.56 0.53 1.11
CA GLN A 25 -17.40 0.84 -0.29
C GLN A 25 -17.45 -0.42 -1.15
N SER A 26 -17.83 -0.22 -2.42
CA SER A 26 -17.87 -1.31 -3.37
C SER A 26 -16.46 -1.83 -3.67
N GLY A 27 -16.41 -2.98 -4.35
CA GLY A 27 -15.16 -3.67 -4.59
C GLY A 27 -14.37 -3.10 -5.76
N ALA A 28 -13.15 -3.64 -5.92
CA ALA A 28 -12.22 -3.14 -6.92
C ALA A 28 -12.84 -3.15 -8.31
N GLU A 29 -12.34 -2.25 -9.17
CA GLU A 29 -12.91 -2.05 -10.49
C GLU A 29 -11.82 -2.07 -11.54
N LEU A 30 -12.20 -2.52 -12.74
CA LEU A 30 -11.37 -2.43 -13.94
C LEU A 30 -12.17 -1.63 -14.95
N ALA A 31 -11.73 -0.42 -15.24
CA ALA A 31 -12.46 0.49 -16.12
C ALA A 31 -11.65 0.72 -17.39
N ARG A 32 -12.36 1.08 -18.44
CA ARG A 32 -11.69 1.23 -19.73
C ARG A 32 -11.40 2.69 -20.03
N PRO A 33 -10.31 2.96 -20.75
CA PRO A 33 -10.01 4.33 -21.17
C PRO A 33 -11.17 4.91 -21.97
N GLY A 34 -11.57 6.13 -21.59
CA GLY A 34 -12.69 6.80 -22.21
C GLY A 34 -14.03 6.49 -21.59
N ALA A 35 -14.11 5.50 -20.71
CA ALA A 35 -15.39 5.05 -20.18
C ALA A 35 -15.64 5.63 -18.79
N SER A 36 -16.55 5.02 -18.06
CA SER A 36 -16.98 5.51 -16.75
C SER A 36 -17.08 4.33 -15.79
N VAL A 37 -17.20 4.66 -14.52
CA VAL A 37 -17.42 3.65 -13.50
C VAL A 37 -18.11 4.33 -12.32
N LEU A 39 -18.91 4.30 -8.35
CA LEU A 39 -18.51 3.76 -7.06
C LEU A 39 -19.60 4.00 -6.03
N SER A 40 -19.71 3.08 -5.08
CA SER A 40 -20.72 3.13 -4.03
C SER A 40 -20.06 3.24 -2.67
N CYS A 41 -20.78 3.89 -1.75
CA CYS A 41 -20.31 4.09 -0.37
C CYS A 41 -21.55 4.06 0.51
N LYS A 42 -21.77 2.93 1.18
CA LYS A 42 -22.97 2.75 1.98
C LYS A 42 -22.66 3.10 3.43
N ALA A 43 -23.41 4.07 3.97
CA ALA A 43 -23.20 4.53 5.33
C ALA A 43 -24.13 3.79 6.28
N SER A 44 -23.64 3.49 7.47
CA SER A 44 -24.46 2.97 8.54
C SER A 44 -23.92 3.49 9.86
N GLY A 45 -24.72 3.32 10.91
CA GLY A 45 -24.31 3.71 12.24
C GLY A 45 -24.50 5.18 12.57
N TYR A 46 -24.99 5.98 11.64
CA TYR A 46 -25.31 7.38 11.90
C TYR A 46 -26.36 7.82 10.89
N THR A 47 -26.82 9.06 11.06
CA THR A 47 -27.84 9.63 10.19
C THR A 47 -27.15 10.22 8.96
N PHE A 48 -27.25 9.51 7.84
CA PHE A 48 -26.63 9.83 6.55
C PHE A 48 -26.83 11.28 6.15
N THR A 49 -28.03 11.81 6.38
CA THR A 49 -28.42 13.12 5.87
C THR A 49 -28.03 14.27 6.80
N ASN A 50 -27.35 13.98 7.90
CA ASN A 50 -26.88 14.98 8.84
C ASN A 50 -25.43 15.40 8.62
N TYR A 51 -24.74 14.77 7.67
CA TYR A 51 -23.32 15.04 7.43
C TYR A 51 -23.06 15.19 5.94
N GLY A 52 -21.94 15.82 5.62
CA GLY A 52 -21.44 15.80 4.28
C GLY A 52 -20.77 14.47 3.97
N LEU A 53 -20.52 14.24 2.69
CA LEU A 53 -19.85 13.03 2.20
C LEU A 53 -18.89 13.44 1.10
N SER A 54 -17.59 13.28 1.34
CA SER A 54 -16.57 13.65 0.37
C SER A 54 -15.96 12.39 -0.25
N TRP A 55 -15.46 12.55 -1.47
CA TRP A 55 -14.63 11.55 -2.13
C TRP A 55 -13.21 12.07 -2.23
N VAL A 56 -12.24 11.21 -1.92
CA VAL A 56 -10.84 11.54 -1.93
C VAL A 56 -10.10 10.48 -2.75
N GLN A 58 -6.48 8.73 -4.34
CA GLN A 58 -5.07 8.55 -4.08
C GLN A 58 -4.39 7.65 -5.12
N ARG A 59 -3.46 8.22 -5.88
CA ARG A 59 -2.71 7.45 -6.86
C ARG A 59 -1.61 6.64 -6.21
N THR A 60 -1.24 5.54 -6.87
CA THR A 60 -0.11 4.71 -6.45
C THR A 60 1.11 5.57 -6.17
N GLY A 61 1.70 5.39 -4.99
CA GLY A 61 2.85 6.16 -4.59
C GLY A 61 2.68 7.67 -4.74
N GLN A 62 1.46 8.16 -4.56
CA GLN A 62 1.19 9.59 -4.60
C GLN A 62 0.31 9.95 -3.41
N GLY A 63 0.09 11.26 -3.23
CA GLY A 63 -0.65 11.76 -2.09
C GLY A 63 -2.15 11.72 -2.31
N LEU A 64 -2.86 12.52 -1.51
CA LEU A 64 -4.31 12.53 -1.51
C LEU A 64 -4.84 13.73 -2.27
N GLU A 65 -6.03 13.58 -2.86
CA GLU A 65 -6.67 14.65 -3.61
C GLU A 65 -8.17 14.60 -3.37
N TRP A 66 -8.74 15.78 -3.07
CA TRP A 66 -10.17 15.91 -2.83
C TRP A 66 -10.90 16.07 -4.16
N ILE A 67 -11.91 15.23 -4.38
CA ILE A 67 -12.65 15.20 -5.64
C ILE A 67 -13.87 16.10 -5.60
N GLY A 68 -14.63 16.03 -4.51
CA GLY A 68 -15.92 16.69 -4.42
C GLY A 68 -16.62 16.24 -3.17
N GLU A 69 -17.70 16.95 -2.87
CA GLU A 69 -18.52 16.64 -1.70
C GLU A 69 -19.99 16.88 -2.05
N ASN A 70 -20.85 16.00 -1.58
CA ASN A 70 -22.29 16.27 -1.64
C ASN A 70 -22.89 16.08 -0.26
N HIS A 71 -23.93 16.86 0.02
CA HIS A 71 -24.67 16.77 1.27
C HIS A 71 -25.98 16.03 0.99
N PRO A 72 -26.11 14.77 1.40
CA PRO A 72 -27.31 14.00 1.02
C PRO A 72 -28.60 14.56 1.58
N GLY A 73 -28.54 15.27 2.71
CA GLY A 73 -29.74 15.84 3.28
C GLY A 73 -30.33 16.94 2.41
N SER A 74 -29.49 17.87 1.97
CA SER A 74 -29.93 19.05 1.24
C SER A 74 -29.74 18.94 -0.26
N GLY A 75 -28.93 17.99 -0.72
CA GLY A 75 -28.58 17.89 -2.12
C GLY A 75 -27.52 18.86 -2.60
N ILE A 76 -26.95 19.66 -1.70
CA ILE A 76 -25.91 20.61 -2.08
C ILE A 76 -24.65 19.84 -2.46
N ILE A 77 -23.93 20.33 -3.48
CA ILE A 77 -22.68 19.73 -3.95
C ILE A 77 -21.59 20.79 -3.94
N TYR A 78 -20.47 20.48 -3.30
CA TYR A 78 -19.27 21.29 -3.43
C TYR A 78 -18.41 20.69 -4.53
N HIS A 79 -18.02 21.50 -5.49
CA HIS A 79 -17.37 21.03 -6.70
C HIS A 79 -15.87 21.31 -6.66
N ASN A 80 -15.12 20.51 -7.43
CA ASN A 80 -13.71 20.76 -7.69
C ASN A 80 -13.55 20.89 -9.21
N GLU A 81 -13.28 22.11 -9.68
CA GLU A 81 -13.16 22.38 -11.10
C GLU A 81 -12.17 21.47 -11.79
N LYS A 82 -11.19 20.95 -11.06
CA LYS A 82 -10.21 20.04 -11.64
C LYS A 82 -10.86 18.75 -12.13
N PHE A 83 -12.05 18.43 -11.63
CA PHE A 83 -12.75 17.21 -12.00
C PHE A 83 -13.98 17.49 -12.86
N ARG A 84 -14.05 18.67 -13.47
CA ARG A 84 -15.13 19.01 -14.40
C ARG A 84 -15.24 17.95 -15.49
N GLY A 85 -16.42 17.35 -15.61
CA GLY A 85 -16.64 16.29 -16.59
C GLY A 85 -16.00 14.96 -16.24
N ALA A 87 -16.31 13.75 -12.69
CA ALA A 87 -16.93 13.22 -11.49
C ALA A 87 -18.30 13.84 -11.25
N THR A 88 -19.30 12.98 -11.04
CA THR A 88 -20.63 13.42 -10.65
C THR A 88 -21.03 12.68 -9.38
N LEU A 89 -21.44 13.43 -8.37
CA LEU A 89 -21.75 12.88 -7.05
C LEU A 89 -23.25 12.83 -6.85
N THR A 90 -23.76 11.70 -6.38
CA THR A 90 -25.18 11.55 -6.10
C THR A 90 -25.33 10.79 -4.79
N ALA A 91 -26.60 10.60 -4.39
CA ALA A 91 -26.90 9.94 -3.13
C ALA A 91 -28.32 9.41 -3.16
N ASP A 92 -28.49 8.21 -2.63
CA ASP A 92 -29.81 7.63 -2.41
C ASP A 92 -30.14 7.66 -0.93
N SER A 94 -32.77 6.87 0.58
CA SER A 94 -33.47 5.66 0.98
C SER A 94 -32.53 4.59 1.52
N SER A 95 -31.46 4.32 0.79
CA SER A 95 -30.53 3.25 1.16
C SER A 95 -29.30 3.76 1.89
N SER A 96 -29.23 5.06 2.22
CA SER A 96 -28.09 5.65 2.90
C SER A 96 -26.79 5.34 2.16
N THR A 97 -26.80 5.53 0.85
CA THR A 97 -25.67 5.19 0.01
C THR A 97 -25.29 6.38 -0.86
N ALA A 98 -24.00 6.66 -0.91
CA ALA A 98 -23.43 7.73 -1.73
C ALA A 98 -22.73 7.13 -2.94
N TYR A 99 -22.80 7.85 -4.06
CA TYR A 99 -22.19 7.38 -5.30
C TYR A 99 -21.34 8.48 -5.90
N VAL A 100 -20.24 8.07 -6.56
CA VAL A 100 -19.50 8.95 -7.45
C VAL A 100 -19.37 8.26 -8.79
N GLN A 101 -19.72 8.98 -9.86
CA GLN A 101 -19.59 8.50 -11.22
C GLN A 101 -18.35 9.17 -11.83
N LEU A 102 -17.30 8.38 -12.06
CA LEU A 102 -16.05 8.86 -12.62
C LEU A 102 -16.07 8.57 -14.13
N SER A 103 -15.97 9.62 -14.93
CA SER A 103 -16.15 9.51 -16.37
C SER A 103 -14.95 10.08 -17.11
N SER A 104 -14.95 9.90 -18.43
CA SER A 104 -13.81 10.27 -19.29
C SER A 104 -12.50 9.73 -18.71
N LEU A 105 -12.51 8.47 -18.27
CA LEU A 105 -11.39 7.95 -17.51
C LEU A 105 -10.16 7.78 -18.41
N THR A 106 -8.99 8.06 -17.84
CA THR A 106 -7.72 7.79 -18.49
C THR A 106 -6.85 6.98 -17.54
N SER A 107 -5.74 6.48 -18.07
CA SER A 107 -4.85 5.62 -17.30
C SER A 107 -4.45 6.27 -15.98
N GLU A 108 -4.20 7.58 -16.00
CA GLU A 108 -3.74 8.21 -14.78
C GLU A 108 -4.87 8.47 -13.79
N ASP A 109 -6.12 8.17 -14.13
CA ASP A 109 -7.17 8.13 -13.11
C ASP A 109 -7.15 6.85 -12.28
N SER A 110 -6.24 5.91 -12.58
CA SER A 110 -6.10 4.73 -11.73
C SER A 110 -5.68 5.17 -10.33
N ALA A 111 -6.44 4.75 -9.33
CA ALA A 111 -6.20 5.21 -7.96
C ALA A 111 -7.09 4.44 -7.01
N VAL A 112 -6.82 4.59 -5.72
CA VAL A 112 -7.75 4.20 -4.68
C VAL A 112 -8.65 5.41 -4.41
N TYR A 113 -9.96 5.16 -4.36
CA TYR A 113 -10.94 6.20 -4.12
C TYR A 113 -11.60 5.92 -2.77
N PHE A 114 -11.50 6.88 -1.85
CA PHE A 114 -12.14 6.79 -0.55
C PHE A 114 -13.36 7.68 -0.49
N CYS A 115 -14.37 7.23 0.23
CA CYS A 115 -15.40 8.14 0.71
C CYS A 115 -15.11 8.47 2.18
N ALA A 116 -15.61 9.62 2.61
CA ALA A 116 -15.36 10.08 3.98
C ALA A 116 -16.54 10.90 4.46
N ARG A 117 -17.03 10.58 5.65
CA ARG A 117 -17.99 11.45 6.30
C ARG A 117 -17.32 12.77 6.62
N SER A 118 -17.98 13.86 6.24
CA SER A 118 -17.39 15.20 6.31
C SER A 118 -18.30 16.07 7.18
N SER A 119 -17.78 16.50 8.32
CA SER A 119 -18.50 17.34 9.26
C SER A 119 -17.88 18.72 9.36
N GLY A 120 -18.70 19.71 9.69
CA GLY A 120 -18.17 21.04 9.96
C GLY A 120 -17.46 21.15 11.29
N THR A 121 -17.80 20.28 12.24
CA THR A 121 -17.17 20.36 13.56
C THR A 121 -15.79 19.74 13.59
N ARG A 122 -15.55 18.65 12.84
CA ARG A 122 -14.30 17.89 12.96
C ARG A 122 -13.63 17.60 11.62
N GLY A 123 -14.40 17.47 10.54
CA GLY A 123 -13.81 17.16 9.25
C GLY A 123 -14.03 15.73 8.80
N PHE A 124 -13.00 15.11 8.23
CA PHE A 124 -13.10 13.74 7.69
C PHE A 124 -12.83 12.74 8.82
N ALA A 125 -13.81 12.63 9.73
CA ALA A 125 -13.61 11.83 10.94
C ALA A 125 -13.72 10.33 10.69
N TYR A 126 -14.44 9.92 9.65
CA TYR A 126 -14.64 8.51 9.33
C TYR A 126 -14.45 8.31 7.83
N TRP A 127 -13.73 7.24 7.48
CA TRP A 127 -13.36 6.94 6.10
C TRP A 127 -13.83 5.54 5.73
N GLY A 128 -14.26 5.37 4.48
CA GLY A 128 -14.45 4.04 3.94
C GLY A 128 -13.12 3.34 3.74
N GLN A 129 -13.18 2.04 3.42
CA GLN A 129 -11.94 1.30 3.29
C GLN A 129 -11.23 1.53 1.97
N GLY A 130 -11.87 2.25 1.04
CA GLY A 130 -11.25 2.54 -0.23
C GLY A 130 -11.63 1.56 -1.33
N THR A 131 -11.76 2.05 -2.55
CA THR A 131 -12.05 1.22 -3.72
C THR A 131 -10.93 1.40 -4.73
N LEU A 132 -10.25 0.32 -5.06
CA LEU A 132 -9.20 0.38 -6.08
C LEU A 132 -9.84 0.42 -7.46
N VAL A 133 -9.45 1.41 -8.26
CA VAL A 133 -9.93 1.55 -9.64
C VAL A 133 -8.72 1.52 -10.57
N THR A 134 -8.65 0.49 -11.42
CA THR A 134 -7.65 0.40 -12.48
C THR A 134 -8.29 0.81 -13.80
N VAL A 135 -7.63 1.73 -14.51
CA VAL A 135 -8.08 2.16 -15.83
C VAL A 135 -7.08 1.60 -16.84
N SER A 136 -7.53 0.66 -17.66
CA SER A 136 -6.64 -0.03 -18.59
C SER A 136 -7.48 -0.77 -19.62
N ALA A 137 -6.93 -0.86 -20.84
CA ALA A 137 -7.54 -1.68 -21.87
C ALA A 137 -7.13 -3.14 -21.79
N ALA A 138 -6.26 -3.52 -20.85
CA ALA A 138 -5.73 -4.88 -20.78
C ALA A 138 -6.77 -5.89 -20.32
N THR A 140 -8.38 -9.13 -18.31
CA THR A 140 -8.27 -9.82 -17.05
C THR A 140 -7.51 -11.15 -17.28
N THR A 141 -6.52 -11.43 -16.43
CA THR A 141 -5.69 -12.62 -16.55
C THR A 141 -5.57 -13.28 -15.18
N ALA A 142 -5.86 -14.59 -15.12
CA ALA A 142 -5.76 -15.28 -13.85
C ALA A 142 -4.30 -15.53 -13.51
N PRO A 143 -3.96 -15.58 -12.22
CA PRO A 143 -2.56 -15.79 -11.83
C PRO A 143 -2.17 -17.26 -11.92
N SER A 144 -0.88 -17.47 -12.18
CA SER A 144 -0.23 -18.74 -11.89
C SER A 144 0.38 -18.64 -10.49
N VAL A 145 0.24 -19.69 -9.70
CA VAL A 145 0.75 -19.71 -8.34
C VAL A 145 1.75 -20.85 -8.22
N TYR A 146 2.99 -20.51 -7.85
CA TYR A 146 4.08 -21.47 -7.81
C TYR A 146 4.65 -21.62 -6.40
N PRO A 147 4.94 -22.83 -5.97
CA PRO A 147 5.50 -23.03 -4.63
C PRO A 147 6.99 -22.70 -4.61
N LEU A 148 7.44 -22.11 -3.52
CA LEU A 148 8.85 -21.76 -3.33
C LEU A 148 9.35 -22.64 -2.19
N ALA A 149 9.98 -23.74 -2.57
CA ALA A 149 10.51 -24.75 -1.65
C ALA A 149 12.00 -24.51 -1.43
N PRO A 150 12.46 -24.47 -0.18
CA PRO A 150 13.84 -24.09 0.09
C PRO A 150 14.82 -25.13 -0.40
N VAL A 151 16.06 -24.70 -0.56
CA VAL A 151 17.17 -25.57 -0.87
C VAL A 151 18.09 -25.62 0.34
N CYS A 152 19.08 -26.51 0.27
CA CYS A 152 20.06 -26.69 1.35
C CYS A 152 20.62 -25.34 1.80
N GLY A 153 19.92 -24.68 2.72
CA GLY A 153 20.29 -23.36 3.17
C GLY A 153 19.12 -22.60 3.78
N SER A 158 18.18 -22.80 11.89
CA SER A 158 17.31 -22.81 13.07
C SER A 158 15.86 -22.47 12.70
N SER A 159 15.69 -21.69 11.65
CA SER A 159 14.40 -21.39 11.07
C SER A 159 14.45 -21.66 9.58
N VAL A 160 13.29 -21.90 8.99
CA VAL A 160 13.18 -22.17 7.56
C VAL A 160 12.19 -21.17 6.96
N THR A 161 12.53 -20.64 5.78
CA THR A 161 11.69 -19.71 5.06
C THR A 161 11.15 -20.39 3.82
N LEU A 162 9.83 -20.31 3.63
CA LEU A 162 9.14 -20.82 2.47
C LEU A 162 8.45 -19.65 1.76
N GLY A 163 7.94 -19.91 0.56
CA GLY A 163 7.24 -18.83 -0.12
C GLY A 163 6.30 -19.31 -1.21
N CYS A 164 5.57 -18.34 -1.77
CA CYS A 164 4.76 -18.53 -2.95
C CYS A 164 5.01 -17.39 -3.93
N LEU A 165 5.05 -17.73 -5.20
CA LEU A 165 5.20 -16.77 -6.29
C LEU A 165 3.90 -16.71 -7.08
N VAL A 166 3.29 -15.52 -7.13
CA VAL A 166 2.02 -15.31 -7.81
C VAL A 166 2.28 -14.51 -9.08
N GLY A 168 1.89 -13.30 -13.24
CA GLY A 168 1.17 -13.07 -14.48
C GLY A 168 -0.33 -12.87 -14.38
N TYR A 169 -0.78 -11.93 -13.55
CA TYR A 169 -2.21 -11.71 -13.37
C TYR A 169 -2.56 -10.26 -13.64
N PHE A 170 -3.86 -10.02 -13.88
CA PHE A 170 -4.37 -8.67 -14.09
C PHE A 170 -5.89 -8.65 -13.94
N PRO A 171 -6.47 -7.61 -13.29
CA PRO A 171 -5.77 -6.52 -12.59
C PRO A 171 -5.55 -6.83 -11.13
N GLU A 172 -5.02 -5.86 -10.38
CA GLU A 172 -5.05 -5.92 -8.94
C GLU A 172 -6.50 -5.86 -8.46
N PRO A 173 -6.80 -6.40 -7.27
CA PRO A 173 -5.88 -7.04 -6.34
C PRO A 173 -5.99 -8.57 -6.27
N VAL A 174 -5.02 -9.19 -5.59
CA VAL A 174 -5.13 -10.56 -5.13
C VAL A 174 -5.04 -10.53 -3.61
N THR A 175 -5.58 -11.56 -2.98
CA THR A 175 -5.39 -11.78 -1.56
C THR A 175 -4.54 -13.04 -1.39
N LEU A 176 -3.61 -13.01 -0.43
CA LEU A 176 -2.72 -14.12 -0.19
C LEU A 176 -2.70 -14.37 1.31
N THR A 177 -2.92 -15.62 1.71
CA THR A 177 -2.82 -16.00 3.11
C THR A 177 -2.06 -17.31 3.21
N TRP A 178 -1.61 -17.64 4.41
CA TRP A 178 -0.86 -18.85 4.68
C TRP A 178 -1.63 -19.69 5.69
N ASN A 179 -1.90 -20.94 5.33
CA ASN A 179 -2.71 -21.85 6.15
C ASN A 179 -4.02 -21.20 6.57
N SER A 180 -4.69 -20.58 5.60
CA SER A 180 -6.01 -20.00 5.76
C SER A 180 -6.03 -18.89 6.82
N GLY A 181 -4.88 -18.24 7.04
CA GLY A 181 -4.77 -17.17 8.01
C GLY A 181 -4.12 -17.56 9.31
N SER A 182 -3.89 -18.86 9.54
CA SER A 182 -3.32 -19.31 10.82
C SER A 182 -1.91 -18.77 11.02
N LEU A 183 -1.09 -18.81 9.98
CA LEU A 183 0.24 -18.23 10.03
C LEU A 183 0.15 -16.77 9.57
N SER A 184 0.70 -15.87 10.36
CA SER A 184 0.66 -14.46 10.03
C SER A 184 1.88 -13.73 10.59
N SER A 185 2.42 -14.22 11.70
CA SER A 185 3.49 -13.51 12.38
C SER A 185 4.82 -13.60 11.64
N GLY A 186 5.03 -14.65 10.86
CA GLY A 186 6.28 -14.78 10.14
C GLY A 186 6.17 -14.49 8.65
N VAL A 187 5.12 -13.78 8.26
CA VAL A 187 4.76 -13.62 6.85
C VAL A 187 5.23 -12.26 6.33
N HIS A 188 5.81 -12.26 5.13
CA HIS A 188 6.05 -11.06 4.34
C HIS A 188 5.34 -11.21 3.00
N THR A 189 4.41 -10.33 2.69
CA THR A 189 3.77 -10.29 1.39
C THR A 189 4.21 -9.03 0.66
N PHE A 190 4.69 -9.19 -0.58
CA PHE A 190 5.30 -8.02 -1.20
C PHE A 190 4.33 -7.34 -2.16
N PRO A 191 4.45 -6.01 -2.29
CA PRO A 191 3.62 -5.29 -3.26
C PRO A 191 3.78 -5.85 -4.67
N ALA A 192 2.66 -5.89 -5.39
CA ALA A 192 2.69 -6.36 -6.77
C ALA A 192 3.46 -5.38 -7.63
N VAL A 193 4.25 -5.91 -8.56
CA VAL A 193 4.95 -5.10 -9.55
C VAL A 193 4.39 -5.44 -10.92
N LEU A 194 4.13 -4.40 -11.71
CA LEU A 194 3.51 -4.52 -13.02
C LEU A 194 4.59 -4.62 -14.08
N GLN A 195 4.51 -5.66 -14.91
CA GLN A 195 5.46 -5.88 -15.99
C GLN A 195 4.65 -6.18 -17.24
N SER A 196 4.80 -5.33 -18.26
CA SER A 196 3.91 -5.33 -19.43
C SER A 196 2.50 -5.08 -18.90
N ASP A 197 1.54 -5.97 -19.11
CA ASP A 197 0.20 -5.81 -18.56
C ASP A 197 -0.12 -6.91 -17.56
N LEU A 198 0.90 -7.39 -16.85
CA LEU A 198 0.73 -8.50 -15.91
C LEU A 198 1.48 -8.21 -14.61
N TYR A 199 0.81 -8.49 -13.49
CA TYR A 199 1.40 -8.29 -12.19
C TYR A 199 2.10 -9.56 -11.74
N THR A 200 3.13 -9.39 -10.94
CA THR A 200 3.75 -10.48 -10.20
C THR A 200 3.84 -10.06 -8.74
N LEU A 201 3.52 -11.01 -7.87
CA LEU A 201 3.62 -10.79 -6.43
C LEU A 201 4.29 -12.02 -5.84
N SER A 202 4.90 -11.83 -4.67
CA SER A 202 5.46 -12.96 -3.93
C SER A 202 5.13 -12.80 -2.46
N SER A 203 5.28 -13.89 -1.72
CA SER A 203 5.09 -13.88 -0.29
C SER A 203 5.99 -14.93 0.32
N SER A 204 6.59 -14.59 1.47
CA SER A 204 7.43 -15.52 2.21
C SER A 204 6.84 -15.73 3.60
N VAL A 205 7.09 -16.91 4.15
CA VAL A 205 6.71 -17.24 5.52
C VAL A 205 7.89 -17.94 6.19
N THR A 206 8.26 -17.47 7.37
CA THR A 206 9.38 -18.02 8.13
C THR A 206 8.82 -18.73 9.36
N VAL A 207 9.28 -19.95 9.59
CA VAL A 207 8.76 -20.78 10.67
C VAL A 207 9.93 -21.53 11.32
N THR A 208 9.67 -22.05 12.51
CA THR A 208 10.69 -22.82 13.21
C THR A 208 11.08 -24.05 12.40
N SER A 209 12.39 -24.32 12.33
CA SER A 209 12.89 -25.47 11.61
C SER A 209 12.25 -26.78 12.05
N SER A 210 11.66 -26.80 13.25
CA SER A 210 10.96 -27.97 13.74
C SER A 210 9.57 -28.14 13.14
N THR A 211 8.96 -27.05 12.65
CA THR A 211 7.59 -27.09 12.17
C THR A 211 7.48 -27.86 10.86
N TRP A 212 8.06 -27.35 9.81
CA TRP A 212 8.06 -27.86 8.45
C TRP A 212 9.25 -28.78 8.21
N PRO A 213 9.13 -29.85 7.39
CA PRO A 213 7.97 -30.31 6.63
C PRO A 213 7.02 -31.21 7.42
N SER A 214 7.37 -31.50 8.67
CA SER A 214 6.56 -32.37 9.52
C SER A 214 5.28 -31.66 9.98
N GLN A 215 4.67 -30.90 9.07
CA GLN A 215 3.54 -30.02 9.33
C GLN A 215 3.29 -29.25 8.04
N SER A 216 2.07 -29.29 7.51
CA SER A 216 1.85 -28.74 6.18
C SER A 216 1.70 -27.22 6.21
N ILE A 217 2.35 -26.56 5.26
CA ILE A 217 2.24 -25.12 5.08
C ILE A 217 1.77 -24.88 3.65
N THR A 218 0.68 -24.13 3.51
CA THR A 218 0.04 -23.91 2.22
C THR A 218 -0.29 -22.44 2.08
N CYS A 219 0.05 -21.86 0.93
CA CYS A 219 -0.38 -20.51 0.62
C CYS A 219 -1.69 -20.55 -0.14
N ASN A 220 -2.58 -19.64 0.20
CA ASN A 220 -3.92 -19.56 -0.38
C ASN A 220 -4.06 -18.23 -1.10
N VAL A 221 -4.29 -18.28 -2.41
CA VAL A 221 -4.37 -17.10 -3.25
C VAL A 221 -5.79 -16.99 -3.81
N ALA A 222 -6.36 -15.80 -3.73
CA ALA A 222 -7.61 -15.49 -4.39
C ALA A 222 -7.40 -14.30 -5.31
N HIS A 223 -7.97 -14.37 -6.51
CA HIS A 223 -7.95 -13.27 -7.47
C HIS A 223 -9.40 -12.98 -7.82
N PRO A 224 -10.05 -12.05 -7.11
CA PRO A 224 -11.50 -11.84 -7.33
C PRO A 224 -11.87 -11.56 -8.77
N ALA A 225 -11.03 -10.80 -9.49
CA ALA A 225 -11.38 -10.39 -10.84
C ALA A 225 -11.61 -11.57 -11.78
N SER A 226 -10.94 -12.70 -11.53
CA SER A 226 -11.13 -13.89 -12.35
C SER A 226 -11.80 -15.01 -11.57
N SER A 227 -12.35 -14.71 -10.38
CA SER A 227 -12.88 -15.72 -9.47
C SER A 227 -11.92 -16.89 -9.33
N THR A 228 -10.63 -16.58 -9.28
CA THR A 228 -9.63 -17.63 -9.12
C THR A 228 -9.31 -17.82 -7.65
N LYS A 229 -9.23 -19.08 -7.24
CA LYS A 229 -8.60 -19.46 -5.99
C LYS A 229 -7.59 -20.57 -6.31
N VAL A 230 -6.44 -20.53 -5.66
CA VAL A 230 -5.39 -21.53 -5.88
C VAL A 230 -4.69 -21.78 -4.55
N ASP A 231 -4.51 -23.05 -4.22
CA ASP A 231 -3.68 -23.44 -3.08
C ASP A 231 -2.39 -24.10 -3.53
N ILE A 234 3.43 -26.35 0.17
CA ILE A 234 4.89 -26.31 0.01
C ILE A 234 5.51 -27.64 0.43
N GLU A 235 6.02 -28.39 -0.56
CA GLU A 235 6.65 -29.66 -0.28
C GLU A 235 8.15 -29.60 -0.50
N PRO A 236 8.93 -30.31 0.31
CA PRO A 236 10.39 -30.22 0.18
C PRO A 236 10.87 -30.79 -1.15
N ARG A 237 12.00 -30.26 -1.61
CA ARG A 237 12.63 -30.72 -2.84
C ARG A 237 13.32 -32.07 -2.60
N ASP B 20 -5.47 27.55 -6.61
CA ASP B 20 -5.61 26.55 -5.55
C ASP B 20 -4.55 26.75 -4.48
N VAL B 21 -4.91 26.47 -3.23
CA VAL B 21 -3.97 26.62 -2.12
C VAL B 21 -2.95 25.50 -2.16
N LEU B 22 -1.68 25.84 -2.35
CA LEU B 22 -0.60 24.88 -2.30
C LEU B 22 -0.19 24.64 -0.85
N MET B 23 -0.14 23.37 -0.46
CA MET B 23 0.25 22.95 0.88
C MET B 23 1.54 22.15 0.79
N THR B 24 2.60 22.69 1.38
CA THR B 24 3.95 22.16 1.24
C THR B 24 4.43 21.63 2.60
N GLN B 25 4.78 20.36 2.66
CA GLN B 25 5.23 19.74 3.91
C GLN B 25 6.74 19.52 3.88
N THR B 26 7.37 19.81 5.02
CA THR B 26 8.78 19.55 5.24
C THR B 26 8.93 18.92 6.62
N PRO B 27 9.77 17.89 6.76
CA PRO B 27 10.52 17.27 5.67
C PRO B 27 9.64 16.36 4.83
N LEU B 28 10.14 15.92 3.67
CA LEU B 28 9.45 14.90 2.90
C LEU B 28 9.54 13.54 3.56
N SER B 29 10.70 13.25 4.16
CA SER B 29 10.96 11.97 4.80
C SER B 29 11.52 12.25 6.19
N LEU B 30 11.03 11.54 7.20
CA LEU B 30 11.35 11.84 8.59
C LEU B 30 11.72 10.55 9.31
N PRO B 31 13.00 10.20 9.35
CA PRO B 31 13.44 9.08 10.19
C PRO B 31 13.59 9.53 11.64
N VAL B 32 12.96 8.82 12.57
CA VAL B 32 12.95 9.21 13.98
C VAL B 32 12.97 7.97 14.85
N SER B 33 13.78 7.99 15.90
CA SER B 33 13.94 6.83 16.77
C SER B 33 12.71 6.64 17.66
N LEU B 34 12.47 5.38 18.04
CA LEU B 34 11.40 5.09 18.98
C LEU B 34 11.59 5.90 20.25
N GLY B 35 10.49 6.44 20.78
CA GLY B 35 10.52 7.29 21.95
C GLY B 35 10.89 8.73 21.73
N ASP B 36 11.41 9.08 20.55
CA ASP B 36 11.83 10.44 20.24
C ASP B 36 10.63 11.27 19.78
N GLN B 37 10.82 12.59 19.79
CA GLN B 37 9.82 13.52 19.28
C GLN B 37 10.04 13.79 17.80
N ALA B 38 8.97 14.05 17.08
CA ALA B 38 9.04 14.46 15.68
C ALA B 38 8.12 15.64 15.44
N SER B 39 8.50 16.48 14.48
CA SER B 39 7.73 17.66 14.12
C SER B 39 7.60 17.75 12.60
N ILE B 40 6.41 18.09 12.13
CA ILE B 40 6.13 18.14 10.70
C ILE B 40 5.54 19.52 10.37
N SER B 41 6.15 20.21 9.41
CA SER B 41 5.73 21.55 9.02
C SER B 41 4.87 21.48 7.77
N CYS B 42 3.82 22.30 7.75
CA CYS B 42 2.87 22.39 6.64
C CYS B 42 2.69 23.86 6.30
N ARG B 43 3.22 24.29 5.16
CA ARG B 43 3.13 25.67 4.71
C ARG B 43 2.08 25.81 3.62
N SER B 44 1.25 26.85 3.72
CA SER B 44 0.26 27.14 2.69
C SER B 44 0.73 28.33 1.87
N SER B 45 0.43 28.28 0.56
CA SER B 45 0.76 29.39 -0.33
C SER B 45 -0.02 30.65 0.02
N GLN B 46 -1.10 30.53 0.78
CA GLN B 46 -1.91 31.69 1.14
C GLN B 46 -2.64 31.36 2.44
N SER B 47 -3.27 32.40 3.00
CA SER B 47 -4.05 32.23 4.22
C SER B 47 -5.17 31.22 4.01
N ILE B 48 -5.50 30.48 5.06
CA ILE B 48 -6.58 29.50 4.96
C ILE B 48 -7.60 29.75 6.07
N VAL B 49 -7.86 31.02 6.37
CA VAL B 49 -9.01 31.40 7.21
C VAL B 49 -10.24 31.46 6.33
N HIS B 50 -11.25 30.66 6.67
CA HIS B 50 -12.52 30.72 5.96
C HIS B 50 -13.23 32.03 6.27
N SER B 51 -14.18 32.40 5.39
CA SER B 51 -15.01 33.58 5.58
C SER B 51 -15.71 33.58 6.93
N ASN B 52 -16.04 32.40 7.45
CA ASN B 52 -16.76 32.36 8.72
C ASN B 52 -15.83 32.50 9.92
N GLY B 53 -14.54 32.75 9.69
CA GLY B 53 -13.60 32.95 10.77
C GLY B 53 -12.81 31.73 11.17
N ASN B 54 -13.20 30.53 10.74
CA ASN B 54 -12.52 29.31 11.14
C ASN B 54 -11.34 29.01 10.23
N THR B 55 -10.28 28.43 10.81
CA THR B 55 -9.15 27.91 10.04
C THR B 55 -9.26 26.38 10.00
N TYR B 56 -9.71 25.88 8.86
CA TYR B 56 -9.93 24.44 8.68
C TYR B 56 -8.63 23.76 8.24
N LEU B 57 -7.66 23.74 9.16
CA LEU B 57 -6.42 23.01 8.96
C LEU B 57 -6.53 21.70 9.72
N GLU B 58 -6.40 20.58 9.00
CA GLU B 58 -6.52 19.26 9.58
C GLU B 58 -5.27 18.44 9.29
N TRP B 59 -5.00 17.47 10.17
CA TRP B 59 -3.90 16.52 9.99
C TRP B 59 -4.45 15.10 9.92
N TYR B 60 -3.91 14.31 9.00
CA TYR B 60 -4.32 12.93 8.79
C TYR B 60 -3.10 12.03 8.73
N LEU B 61 -3.26 10.82 9.27
CA LEU B 61 -2.24 9.78 9.20
C LEU B 61 -2.77 8.62 8.36
N GLN B 62 -1.98 8.19 7.39
CA GLN B 62 -2.31 6.97 6.66
C GLN B 62 -1.22 5.92 6.90
N PRO B 64 0.47 2.21 6.41
CA PRO B 64 0.58 1.35 5.22
C PRO B 64 -0.65 0.48 5.03
N GLY B 65 -1.26 0.53 3.84
CA GLY B 65 -2.36 -0.35 3.51
C GLY B 65 -3.65 -0.09 4.26
N GLN B 66 -3.85 1.12 4.76
CA GLN B 66 -5.06 1.46 5.51
C GLN B 66 -5.68 2.74 4.97
N SER B 67 -6.90 3.01 5.43
CA SER B 67 -7.53 4.29 5.15
C SER B 67 -6.93 5.36 6.05
N PRO B 68 -6.95 6.62 5.60
CA PRO B 68 -6.46 7.72 6.45
C PRO B 68 -7.24 7.85 7.76
N LEU B 70 -8.19 10.65 10.86
CA LEU B 70 -8.19 12.02 11.36
C LEU B 70 -7.40 12.09 12.67
N LEU B 71 -6.45 13.03 12.75
CA LEU B 71 -5.71 13.29 13.98
C LEU B 71 -6.12 14.60 14.63
N ILE B 72 -6.16 15.68 13.86
CA ILE B 72 -6.30 17.03 14.39
C ILE B 72 -7.15 17.84 13.43
N TYR B 73 -8.00 18.69 13.98
CA TYR B 73 -8.82 19.59 13.16
C TYR B 73 -8.75 21.00 13.74
N VAL B 75 -6.62 23.27 13.24
CA VAL B 75 -5.23 23.56 13.61
C VAL B 75 -4.71 22.72 14.78
N SER B 76 -5.49 22.57 15.85
CA SER B 76 -4.93 22.00 17.06
C SER B 76 -5.92 21.24 17.94
N ASN B 77 -7.15 21.03 17.51
CA ASN B 77 -8.07 20.19 18.26
C ASN B 77 -7.82 18.72 17.94
N ARG B 78 -7.52 17.94 18.96
CA ARG B 78 -7.29 16.51 18.78
C ARG B 78 -8.61 15.77 18.66
N PHE B 79 -8.72 14.90 17.66
CA PHE B 79 -9.92 14.09 17.47
C PHE B 79 -9.99 13.01 18.53
N SER B 80 -11.22 12.67 18.94
CA SER B 80 -11.38 11.66 19.98
C SER B 80 -10.79 10.33 19.51
N GLY B 81 -10.16 9.60 20.43
CA GLY B 81 -9.52 8.34 20.13
C GLY B 81 -8.08 8.46 19.69
N VAL B 82 -7.63 9.65 19.32
CA VAL B 82 -6.24 9.88 18.93
C VAL B 82 -5.39 10.04 20.19
N PRO B 83 -4.23 9.39 20.29
CA PRO B 83 -3.38 9.58 21.47
C PRO B 83 -3.00 11.04 21.69
N ASP B 84 -2.83 11.40 22.96
CA ASP B 84 -2.44 12.76 23.30
C ASP B 84 -1.03 13.11 22.82
N ARG B 85 -0.27 12.13 22.33
CA ARG B 85 1.06 12.35 21.77
C ARG B 85 1.03 13.21 20.51
N PHE B 86 -0.12 13.34 19.87
CA PHE B 86 -0.27 14.17 18.68
C PHE B 86 -0.85 15.52 19.07
N SER B 87 -0.20 16.59 18.61
CA SER B 87 -0.68 17.93 18.90
C SER B 87 -0.29 18.84 17.74
N GLY B 88 -1.07 19.90 17.56
CA GLY B 88 -0.82 20.82 16.48
C GLY B 88 -0.68 22.25 16.93
N SER B 89 -0.06 23.07 16.10
CA SER B 89 0.03 24.50 16.34
C SER B 89 0.18 25.18 14.99
N GLY B 90 0.25 26.51 15.03
CA GLY B 90 0.59 27.29 13.87
C GLY B 90 -0.34 28.48 13.73
N SER B 91 -0.09 29.25 12.67
CA SER B 91 -0.92 30.40 12.36
C SER B 91 -0.49 30.93 11.01
N GLY B 92 -1.39 31.69 10.39
CA GLY B 92 -1.09 32.34 9.13
C GLY B 92 -0.87 31.35 8.01
N THR B 93 0.39 31.04 7.70
CA THR B 93 0.69 30.13 6.61
C THR B 93 1.68 29.04 6.99
N ASP B 94 1.90 28.80 8.27
CA ASP B 94 2.78 27.70 8.68
C ASP B 94 2.17 26.98 9.88
N PHE B 95 1.93 25.68 9.71
CA PHE B 95 1.31 24.84 10.73
C PHE B 95 2.21 23.65 11.01
N THR B 96 2.20 23.21 12.27
CA THR B 96 3.12 22.18 12.74
C THR B 96 2.36 21.09 13.47
N LEU B 97 2.60 19.84 13.07
CA LEU B 97 2.18 18.68 13.84
C LEU B 97 3.37 18.19 14.67
N ILE B 99 4.74 15.07 17.18
CA ILE B 99 4.52 13.72 17.70
C ILE B 99 5.46 13.50 18.86
N SER B 100 4.90 13.33 20.04
CA SER B 100 5.70 13.04 21.23
C SER B 100 5.85 11.54 21.38
N ARG B 101 7.04 11.10 21.79
CA ARG B 101 7.30 9.70 22.08
C ARG B 101 6.81 8.80 20.94
N VAL B 102 7.48 8.93 19.80
CA VAL B 102 7.09 8.17 18.61
C VAL B 102 7.04 6.68 18.93
N GLU B 103 6.00 6.01 18.44
CA GLU B 103 5.83 4.57 18.54
C GLU B 103 5.82 3.94 17.16
N ALA B 104 6.13 2.64 17.10
CA ALA B 104 6.21 1.95 15.82
C ALA B 104 4.90 2.07 15.03
N GLU B 105 3.76 1.95 15.72
CA GLU B 105 2.47 2.07 15.07
C GLU B 105 2.27 3.44 14.41
N ASP B 106 3.10 4.43 14.72
CA ASP B 106 2.94 5.76 14.13
C ASP B 106 3.49 5.86 12.72
N LEU B 107 4.24 4.87 12.24
CA LEU B 107 4.87 4.98 10.94
C LEU B 107 3.80 5.01 9.85
N GLY B 108 4.12 5.70 8.76
CA GLY B 108 3.16 5.91 7.69
C GLY B 108 3.37 7.29 7.09
N VAL B 109 2.34 7.81 6.45
CA VAL B 109 2.41 9.12 5.80
C VAL B 109 1.43 10.06 6.49
N TYR B 110 1.94 11.23 6.87
CA TYR B 110 1.17 12.30 7.51
C TYR B 110 0.83 13.36 6.48
N TYR B 111 -0.44 13.74 6.41
CA TYR B 111 -0.91 14.76 5.48
C TYR B 111 -1.57 15.90 6.24
N CYS B 112 -1.23 17.13 5.88
CA CYS B 112 -2.07 18.25 6.26
C CYS B 112 -3.10 18.52 5.15
N PHE B 113 -4.14 19.26 5.49
CA PHE B 113 -5.29 19.48 4.63
C PHE B 113 -5.94 20.81 5.02
N GLN B 114 -6.36 21.59 4.02
CA GLN B 114 -7.13 22.81 4.29
C GLN B 114 -8.52 22.66 3.66
N GLY B 115 -9.54 22.92 4.47
CA GLY B 115 -10.91 22.93 3.98
C GLY B 115 -11.52 24.32 4.02
N SER B 116 -10.74 25.32 3.65
CA SER B 116 -11.19 26.71 3.73
C SER B 116 -11.50 27.32 2.37
N HIS B 117 -10.62 27.13 1.39
CA HIS B 117 -10.76 27.73 0.07
C HIS B 117 -10.89 26.62 -0.97
N GLY B 118 -11.74 26.86 -1.96
CA GLY B 118 -11.97 25.90 -3.02
C GLY B 118 -10.89 25.95 -4.07
N PRO B 119 -10.45 24.78 -4.55
CA PRO B 119 -10.83 23.47 -4.02
C PRO B 119 -10.04 23.14 -2.76
N TRP B 120 -10.61 22.35 -1.86
CA TRP B 120 -9.84 21.88 -0.71
C TRP B 120 -8.64 21.08 -1.18
N THR B 121 -7.52 21.23 -0.48
CA THR B 121 -6.26 20.64 -0.91
C THR B 121 -5.52 20.00 0.25
N PHE B 122 -4.84 18.88 -0.04
CA PHE B 122 -3.95 18.22 0.90
C PHE B 122 -2.50 18.66 0.64
N GLY B 123 -1.69 18.56 1.69
CA GLY B 123 -0.25 18.62 1.49
C GLY B 123 0.26 17.38 0.78
N GLY B 124 1.51 17.44 0.33
CA GLY B 124 2.10 16.32 -0.40
C GLY B 124 2.44 15.12 0.48
N GLY B 125 2.45 15.30 1.79
CA GLY B 125 2.66 14.17 2.68
C GLY B 125 4.08 14.09 3.21
N THR B 126 4.21 13.57 4.43
CA THR B 126 5.50 13.35 5.07
C THR B 126 5.60 11.89 5.47
N LYS B 127 6.65 11.22 4.99
CA LYS B 127 6.87 9.81 5.26
C LYS B 127 7.61 9.68 6.59
N LEU B 128 6.94 9.16 7.61
CA LEU B 128 7.59 8.93 8.88
C LEU B 128 8.15 7.52 8.92
N GLU B 129 9.46 7.41 9.15
CA GLU B 129 10.14 6.12 9.24
C GLU B 129 10.69 5.94 10.64
N ILE B 130 10.55 4.73 11.17
CA ILE B 130 11.16 4.41 12.46
C ILE B 130 12.64 4.11 12.27
N ARG B 132 15.64 2.46 13.50
CA ARG B 132 16.05 1.44 14.45
C ARG B 132 17.50 1.07 14.26
N ALA B 133 18.00 0.18 15.11
CA ALA B 133 19.34 -0.35 14.93
C ALA B 133 19.45 -1.06 13.60
N ASP B 134 20.64 -0.96 12.99
CA ASP B 134 20.88 -1.67 11.73
C ASP B 134 20.58 -3.15 11.89
N ALA B 135 20.05 -3.74 10.83
CA ALA B 135 19.70 -5.15 10.82
C ALA B 135 20.09 -5.71 9.45
N ALA B 136 20.89 -6.77 9.46
CA ALA B 136 21.31 -7.45 8.25
C ALA B 136 20.14 -8.21 7.64
N PRO B 137 20.09 -8.33 6.31
CA PRO B 137 19.02 -9.12 5.68
C PRO B 137 19.18 -10.61 5.92
N THR B 138 18.05 -11.29 6.13
CA THR B 138 17.98 -12.74 6.07
C THR B 138 17.64 -13.11 4.63
N VAL B 139 18.58 -13.76 3.95
CA VAL B 139 18.48 -14.01 2.51
C VAL B 139 18.15 -15.47 2.27
N SER B 140 17.14 -15.72 1.43
CA SER B 140 16.71 -17.07 1.06
C SER B 140 16.53 -17.14 -0.45
N ILE B 141 16.94 -18.25 -1.06
CA ILE B 141 16.83 -18.41 -2.51
C ILE B 141 16.01 -19.65 -2.83
N PHE B 142 15.25 -19.58 -3.93
CA PHE B 142 14.31 -20.64 -4.29
C PHE B 142 14.37 -20.92 -5.79
N PRO B 143 14.56 -22.17 -6.18
CA PRO B 143 14.61 -22.52 -7.61
C PRO B 143 13.22 -22.48 -8.22
N PRO B 144 13.13 -22.48 -9.56
CA PRO B 144 11.82 -22.57 -10.20
C PRO B 144 11.11 -23.86 -9.83
N SER B 145 9.78 -23.79 -9.73
CA SER B 145 9.01 -25.00 -9.51
C SER B 145 8.85 -25.76 -10.82
N SER B 146 8.66 -27.08 -10.71
CA SER B 146 8.40 -27.88 -11.90
C SER B 146 7.18 -27.38 -12.64
N GLU B 147 6.14 -26.99 -11.90
CA GLU B 147 4.92 -26.48 -12.51
C GLU B 147 5.20 -25.31 -13.44
N GLN B 148 6.05 -24.38 -13.00
CA GLN B 148 6.35 -23.23 -13.85
C GLN B 148 7.16 -23.64 -15.08
N LEU B 149 8.15 -24.53 -14.90
CA LEU B 149 8.96 -24.99 -16.03
C LEU B 149 8.10 -25.48 -17.17
N THR B 150 6.96 -26.08 -16.84
CA THR B 150 6.05 -26.61 -17.85
C THR B 150 5.58 -25.54 -18.82
N SER B 151 5.41 -24.32 -18.34
CA SER B 151 4.95 -23.21 -19.18
C SER B 151 6.06 -22.59 -20.01
N GLY B 152 7.28 -23.09 -19.93
CA GLY B 152 8.39 -22.55 -20.71
C GLY B 152 9.17 -21.44 -20.04
N GLY B 153 8.77 -21.00 -18.86
CA GLY B 153 9.50 -19.98 -18.12
C GLY B 153 10.05 -20.54 -16.82
N ALA B 154 11.05 -19.86 -16.24
CA ALA B 154 11.67 -20.34 -15.01
C ALA B 154 12.07 -19.15 -14.15
N SER B 155 11.45 -19.01 -12.99
CA SER B 155 11.70 -17.90 -12.07
C SER B 155 12.49 -18.39 -10.88
N VAL B 156 13.62 -17.74 -10.62
CA VAL B 156 14.36 -17.91 -9.37
C VAL B 156 14.03 -16.74 -8.46
N VAL B 157 13.73 -17.04 -7.20
CA VAL B 157 13.27 -16.03 -6.25
C VAL B 157 14.27 -15.91 -5.11
N CYS B 158 14.51 -14.67 -4.69
CA CYS B 158 15.36 -14.35 -3.56
C CYS B 158 14.58 -13.44 -2.62
N PHE B 159 14.49 -13.81 -1.35
CA PHE B 159 13.93 -12.94 -0.33
C PHE B 159 15.06 -12.34 0.49
N LEU B 160 15.00 -11.03 0.69
CA LEU B 160 15.93 -10.26 1.53
C LEU B 160 15.06 -9.67 2.64
N ASN B 161 15.03 -10.31 3.81
CA ASN B 161 13.97 -10.07 4.78
C ASN B 161 14.49 -9.43 6.06
N ASN B 162 13.73 -8.47 6.57
CA ASN B 162 13.91 -7.89 7.91
C ASN B 162 15.25 -7.18 8.04
N PHE B 163 15.53 -6.26 7.14
CA PHE B 163 16.77 -5.49 7.19
C PHE B 163 16.46 -4.02 7.44
N TYR B 164 17.50 -3.29 7.86
CA TYR B 164 17.39 -1.84 8.07
C TYR B 164 18.79 -1.26 8.06
N PRO B 165 19.03 -0.12 7.40
CA PRO B 165 18.07 0.74 6.69
C PRO B 165 17.60 0.15 5.36
N ASP B 167 18.18 0.95 2.37
CA ASP B 167 19.14 0.94 1.27
C ASP B 167 19.85 -0.41 1.15
N ILE B 168 19.59 -1.11 0.04
CA ILE B 168 20.16 -2.43 -0.18
C ILE B 168 20.19 -2.65 -1.69
N ASN B 169 21.09 -3.51 -2.15
CA ASN B 169 21.17 -3.87 -3.55
C ASN B 169 21.17 -5.39 -3.67
N VAL B 170 20.52 -5.88 -4.73
CA VAL B 170 20.50 -7.30 -5.00
C VAL B 170 21.11 -7.51 -6.38
N TRP B 172 22.17 -10.71 -9.29
CA TRP B 172 22.00 -12.11 -9.68
C TRP B 172 23.19 -12.61 -10.47
N ILE B 174 24.56 -16.16 -12.69
CA ILE B 174 24.30 -17.48 -13.26
C ILE B 174 25.63 -18.08 -13.69
N ASP B 175 25.95 -19.26 -13.15
CA ASP B 175 27.25 -19.90 -13.37
C ASP B 175 28.39 -18.91 -13.13
N GLY B 176 28.23 -18.08 -12.09
CA GLY B 176 29.25 -17.14 -11.70
C GLY B 176 29.18 -15.78 -12.37
N SER B 177 28.46 -15.64 -13.49
CA SER B 177 28.44 -14.38 -14.22
C SER B 177 27.19 -13.57 -13.90
N GLU B 178 27.35 -12.25 -13.85
CA GLU B 178 26.23 -11.40 -13.48
C GLU B 178 25.15 -11.44 -14.56
N ARG B 179 23.92 -11.63 -14.13
CA ARG B 179 22.76 -11.64 -15.01
C ARG B 179 21.98 -10.35 -14.74
N GLN B 180 21.88 -9.50 -15.76
CA GLN B 180 21.25 -8.20 -15.59
C GLN B 180 19.88 -8.07 -16.22
N ASN B 181 19.42 -9.04 -17.00
CA ASN B 181 18.08 -9.00 -17.55
C ASN B 181 17.21 -10.08 -16.92
N GLY B 182 15.89 -9.86 -16.99
CA GLY B 182 14.92 -10.78 -16.41
C GLY B 182 14.63 -10.56 -14.95
N VAL B 183 15.08 -9.45 -14.35
CA VAL B 183 14.98 -9.23 -12.92
C VAL B 183 13.76 -8.35 -12.62
N LEU B 184 13.04 -8.69 -11.56
CA LEU B 184 11.86 -7.94 -11.14
C LEU B 184 11.89 -7.84 -9.61
N ASN B 185 11.87 -6.61 -9.09
CA ASN B 185 12.08 -6.35 -7.67
C ASN B 185 10.84 -5.71 -7.04
N SER B 186 10.54 -6.12 -5.81
CA SER B 186 9.46 -5.54 -5.03
C SER B 186 9.92 -5.29 -3.60
N TRP B 187 9.58 -4.12 -3.08
CA TRP B 187 10.00 -3.65 -1.76
C TRP B 187 8.78 -3.44 -0.88
N THR B 188 8.81 -3.99 0.33
CA THR B 188 7.76 -3.67 1.28
C THR B 188 7.97 -2.29 1.86
N ASP B 189 6.89 -1.74 2.43
CA ASP B 189 7.01 -0.62 3.35
C ASP B 189 7.51 -1.15 4.70
N GLN B 190 7.92 -0.24 5.58
CA GLN B 190 8.43 -0.64 6.88
C GLN B 190 7.35 -1.36 7.70
N ASP B 191 7.74 -2.46 8.34
CA ASP B 191 6.85 -3.27 9.16
C ASP B 191 6.96 -2.80 10.62
N SER B 192 5.84 -2.36 11.19
CA SER B 192 5.87 -1.83 12.54
C SER B 192 6.16 -2.91 13.59
N ASP B 194 8.70 -4.85 13.70
CA ASP B 194 10.10 -4.78 14.11
C ASP B 194 10.85 -3.65 13.42
N SER B 195 10.09 -2.76 12.75
CA SER B 195 10.64 -1.58 12.09
C SER B 195 11.66 -1.93 11.01
N THR B 196 11.52 -3.10 10.39
CA THR B 196 12.40 -3.49 9.30
C THR B 196 11.70 -3.39 7.95
N TYR B 197 12.50 -3.48 6.91
CA TYR B 197 12.06 -3.58 5.53
C TYR B 197 12.36 -4.98 5.01
N SER B 198 11.67 -5.36 3.94
CA SER B 198 11.93 -6.61 3.23
C SER B 198 11.84 -6.34 1.74
N MET B 199 12.40 -7.26 0.96
CA MET B 199 12.53 -7.06 -0.47
C MET B 199 12.55 -8.42 -1.15
N SER B 200 11.83 -8.53 -2.27
CA SER B 200 11.78 -9.73 -3.09
C SER B 200 12.36 -9.43 -4.45
N SER B 201 13.22 -10.30 -4.95
CA SER B 201 13.77 -10.18 -6.30
C SER B 201 13.53 -11.47 -7.06
N THR B 202 12.97 -11.36 -8.26
CA THR B 202 12.67 -12.52 -9.09
C THR B 202 13.44 -12.43 -10.40
N LEU B 203 14.24 -13.46 -10.68
CA LEU B 203 14.95 -13.61 -11.95
C LEU B 203 14.20 -14.63 -12.80
N THR B 204 13.76 -14.22 -13.99
CA THR B 204 13.00 -15.08 -14.88
C THR B 204 13.76 -15.26 -16.20
N LEU B 205 13.86 -16.50 -16.64
CA LEU B 205 14.35 -16.79 -17.98
C LEU B 205 13.54 -17.94 -18.54
N THR B 206 13.85 -18.30 -19.79
CA THR B 206 13.20 -19.43 -20.43
C THR B 206 13.61 -20.71 -19.73
N ASP B 208 14.36 -23.26 -21.22
CA ASP B 208 15.48 -23.72 -22.05
C ASP B 208 16.83 -23.21 -21.52
N GLU B 209 16.91 -21.89 -21.29
CA GLU B 209 18.14 -21.33 -20.74
C GLU B 209 18.37 -21.78 -19.30
N TYR B 210 17.30 -21.87 -18.50
CA TYR B 210 17.46 -22.31 -17.12
C TYR B 210 18.16 -23.66 -17.05
N GLU B 211 17.82 -24.56 -17.96
CA GLU B 211 18.36 -25.91 -17.97
C GLU B 211 19.76 -25.99 -18.56
N ARG B 212 20.27 -24.90 -19.13
CA ARG B 212 21.61 -24.87 -19.69
C ARG B 212 22.65 -24.34 -18.71
N HIS B 213 22.28 -24.15 -17.44
CA HIS B 213 23.21 -23.65 -16.43
C HIS B 213 23.03 -24.45 -15.14
N ASN B 214 24.06 -24.40 -14.30
CA ASN B 214 24.10 -25.15 -13.05
C ASN B 214 23.94 -24.29 -11.80
N SER B 215 24.62 -23.15 -11.73
CA SER B 215 24.71 -22.35 -10.51
C SER B 215 23.84 -21.10 -10.61
N TYR B 216 23.05 -20.84 -9.57
CA TYR B 216 22.21 -19.65 -9.49
C TYR B 216 22.42 -19.00 -8.14
N THR B 217 22.73 -17.70 -8.16
CA THR B 217 23.14 -16.98 -6.96
C THR B 217 22.47 -15.61 -6.90
N CYS B 218 21.96 -15.24 -5.72
CA CYS B 218 21.61 -13.86 -5.45
C CYS B 218 22.52 -13.32 -4.36
N GLU B 219 22.93 -12.07 -4.52
CA GLU B 219 23.84 -11.40 -3.60
C GLU B 219 23.20 -10.10 -3.11
N ALA B 220 23.15 -9.92 -1.80
CA ALA B 220 22.60 -8.72 -1.19
C ALA B 220 23.74 -7.91 -0.59
N THR B 221 23.82 -6.64 -0.96
CA THR B 221 24.83 -5.73 -0.43
C THR B 221 24.15 -4.69 0.45
N HIS B 222 24.57 -4.64 1.70
CA HIS B 222 23.92 -3.82 2.71
C HIS B 222 24.98 -3.25 3.66
N THR B 224 25.35 -3.30 6.64
CA THR B 224 25.68 -4.15 7.78
C THR B 224 26.77 -5.17 7.50
N SER B 225 27.26 -5.22 6.26
CA SER B 225 28.27 -6.19 5.91
C SER B 225 29.21 -5.63 4.86
N THR B 226 30.52 -5.70 5.15
CA THR B 226 31.52 -5.27 4.18
C THR B 226 31.55 -6.16 2.94
N SER B 227 31.06 -7.39 3.05
CA SER B 227 31.00 -8.28 1.92
C SER B 227 29.54 -8.61 1.59
N PRO B 228 29.22 -8.80 0.31
CA PRO B 228 27.83 -9.17 -0.04
C PRO B 228 27.40 -10.43 0.68
N ILE B 229 26.12 -10.49 1.00
CA ILE B 229 25.53 -11.70 1.58
C ILE B 229 25.07 -12.59 0.42
N VAL B 230 25.56 -13.83 0.40
CA VAL B 230 25.41 -14.70 -0.76
C VAL B 230 24.55 -15.94 -0.44
N SER B 232 22.93 -19.32 -2.63
CA SER B 232 23.09 -19.96 -3.92
C SER B 232 22.62 -21.40 -3.89
N PHE B 233 22.30 -21.95 -5.06
CA PHE B 233 22.07 -23.38 -5.20
C PHE B 233 22.67 -23.85 -6.52
N ASN B 234 22.97 -25.14 -6.57
CA ASN B 234 23.38 -25.83 -7.80
C ASN B 234 22.32 -26.85 -8.16
N ARG B 235 21.94 -26.87 -9.44
CA ARG B 235 20.94 -27.84 -9.88
C ARG B 235 21.41 -29.27 -9.70
N ASN B 236 22.72 -29.51 -9.57
CA ASN B 236 23.25 -30.85 -9.37
C ASN B 236 23.67 -31.11 -7.93
N GLU B 237 23.08 -30.39 -6.97
CA GLU B 237 23.45 -30.53 -5.57
C GLU B 237 22.47 -31.45 -4.83
#